data_4MAU
#
_entry.id   4MAU
#
_cell.length_a   88.680
_cell.length_b   113.360
_cell.length_c   128.650
_cell.angle_alpha   90.00
_cell.angle_beta   90.00
_cell.angle_gamma   90.00
#
_symmetry.space_group_name_H-M   'C 2 2 21'
#
loop_
_entity.id
_entity.type
_entity.pdbx_description
1 polymer 'C2244 light chain'
2 polymer 'C2244 heavy chain'
3 non-polymer GLYCEROL
4 non-polymer 'SULFATE ION'
5 non-polymer 'FORMIC ACID'
6 water water
#
loop_
_entity_poly.entity_id
_entity_poly.type
_entity_poly.pdbx_seq_one_letter_code
_entity_poly.pdbx_strand_id
1 'polypeptide(L)'
;DIVLTQSPASLAISLGQRATISCRASKSVSTSGSSYMFWYQQKPGQPPKLLIYLASNLESGVPARFSGSGSGTDFTLNIH
PVEEEDAAAYYCQHSREIPYTFGGGTKLEIKRTVAAPSVFIFPPSDEQLKSGTASVVCLLNNFYPREAKVQWKVDNALQS
GNSQESVTEQDSKDSTYSLSSTLTLSKADYEKHKVYACEVTHQGLSSPVTKSFNRGEC
;
L
2 'polypeptide(L)'
;EVQLQESGPGLVKPSQSLSLTCTVTGFSITSDYAWNWIRQFPGSKLEWMGFISYSGDTSFNPSLKSRISVTRDTSKNQFF
LQLNSVTTEDTATYYCASYDGYSFDYWGQGTTLTVSSASTKGPSVFPLAPSSKSTSGGTAALGCLVKDYFPEPVTVSWNS
GALTSGVHTFPAVLQSSGLYSLSSVVTVPSSSLGTQTYICNVNHKPSNTKVDKKVEPKSCHHHHHH
;
H
#
# COMPACT_ATOMS: atom_id res chain seq x y z
N ASP A 1 6.53 2.55 -28.45
CA ASP A 1 5.53 2.82 -27.38
C ASP A 1 5.53 4.30 -26.99
N ILE A 2 4.36 4.79 -26.59
CA ILE A 2 4.26 6.16 -26.08
C ILE A 2 4.73 6.21 -24.63
N VAL A 3 5.60 7.18 -24.37
CA VAL A 3 6.18 7.40 -23.06
C VAL A 3 5.48 8.60 -22.44
N LEU A 4 4.91 8.40 -21.25
CA LEU A 4 4.29 9.49 -20.51
C LEU A 4 5.20 9.93 -19.37
N THR A 5 5.54 11.21 -19.34
CA THR A 5 6.40 11.77 -18.31
C THR A 5 5.64 12.75 -17.43
N GLN A 6 5.53 12.44 -16.14
CA GLN A 6 4.84 13.29 -15.18
C GLN A 6 5.75 14.29 -14.50
N SER A 7 5.20 15.46 -14.18
CA SER A 7 5.95 16.51 -13.50
C SER A 7 5.02 17.33 -12.63
N PRO A 8 5.44 17.67 -11.40
CA PRO A 8 6.67 17.20 -10.74
C PRO A 8 6.47 15.77 -10.22
N ALA A 9 7.53 15.16 -9.69
CA ALA A 9 7.44 13.82 -9.11
C ALA A 9 6.74 13.86 -7.76
N SER A 10 6.91 14.96 -7.04
CA SER A 10 6.22 15.17 -5.79
C SER A 10 5.99 16.65 -5.58
N LEU A 11 4.91 16.98 -4.88
CA LEU A 11 4.63 18.36 -4.51
C LEU A 11 3.88 18.40 -3.20
N ALA A 12 4.12 19.47 -2.46
CA ALA A 12 3.47 19.72 -1.19
C ALA A 12 2.63 21.00 -1.33
N ILE A 13 1.35 20.90 -1.01
CA ILE A 13 0.42 21.99 -1.25
C ILE A 13 -0.43 22.23 -0.01
N SER A 14 -0.65 23.49 0.34
CA SER A 14 -1.50 23.82 1.48
C SER A 14 -2.98 23.64 1.16
N LEU A 15 -3.77 23.34 2.19
CA LEU A 15 -5.22 23.26 2.07
C LEU A 15 -5.80 24.51 1.44
N GLY A 16 -6.74 24.33 0.52
CA GLY A 16 -7.40 25.46 -0.13
C GLY A 16 -6.70 25.94 -1.39
N GLN A 17 -5.43 25.58 -1.53
CA GLN A 17 -4.63 26.01 -2.68
C GLN A 17 -4.84 25.09 -3.89
N ARG A 18 -4.14 25.40 -4.98
CA ARG A 18 -4.24 24.64 -6.21
C ARG A 18 -3.02 23.74 -6.41
N ALA A 19 -3.28 22.46 -6.72
CA ALA A 19 -2.24 21.55 -7.14
C ALA A 19 -2.34 21.35 -8.64
N THR A 20 -1.20 21.46 -9.32
CA THR A 20 -1.12 21.29 -10.77
C THR A 20 -0.09 20.21 -11.12
N ILE A 21 -0.53 19.18 -11.84
CA ILE A 21 0.33 18.06 -12.24
C ILE A 21 0.29 17.96 -13.76
N SER A 22 1.46 17.81 -14.37
CA SER A 22 1.54 17.73 -15.82
C SER A 22 1.90 16.33 -16.28
N CYS A 23 1.36 15.96 -17.44
CA CYS A 23 1.69 14.73 -18.11
C CYS A 23 2.06 15.10 -19.54
N ARG A 24 3.29 14.77 -19.92
CA ARG A 24 3.77 15.01 -21.29
C ARG A 24 4.01 13.70 -22.01
N ALA A 25 3.52 13.60 -23.24
CA ALA A 25 3.60 12.37 -24.02
C ALA A 25 4.66 12.49 -25.11
N SER A 26 5.35 11.39 -25.38
CA SER A 26 6.42 11.35 -26.40
C SER A 26 5.88 11.53 -27.83
N LYS A 27 4.61 11.23 -28.03
CA LYS A 27 3.90 11.58 -29.27
C LYS A 27 2.43 11.78 -28.94
N SER A 28 1.68 12.32 -29.90
CA SER A 28 0.28 12.71 -29.64
C SER A 28 -0.63 11.54 -29.23
N VAL A 29 -1.44 11.78 -28.21
CA VAL A 29 -2.45 10.80 -27.79
C VAL A 29 -3.86 11.23 -28.23
N SER A 30 -3.90 12.24 -29.11
CA SER A 30 -5.15 12.74 -29.67
C SER A 30 -5.37 12.17 -31.06
N THR A 31 -6.54 11.57 -31.26
CA THR A 31 -6.94 11.04 -32.57
C THR A 31 -8.46 10.94 -32.67
N SER A 32 -8.97 10.99 -33.91
CA SER A 32 -10.41 10.91 -34.20
C SER A 32 -11.25 11.94 -33.42
N GLY A 33 -10.65 13.09 -33.14
CA GLY A 33 -11.32 14.18 -32.42
C GLY A 33 -11.47 13.96 -30.92
N SER A 34 -10.64 13.08 -30.35
CA SER A 34 -10.62 12.88 -28.88
C SER A 34 -9.18 12.78 -28.38
N SER A 35 -8.97 13.10 -27.11
CA SER A 35 -7.66 12.94 -26.47
C SER A 35 -7.74 11.78 -25.48
N TYR A 36 -7.04 10.71 -25.80
CA TYR A 36 -7.12 9.47 -25.04
C TYR A 36 -6.17 9.50 -23.84
N MET A 37 -6.51 10.37 -22.88
CA MET A 37 -5.73 10.65 -21.68
C MET A 37 -6.63 10.46 -20.46
N PHE A 38 -6.06 9.86 -19.41
CA PHE A 38 -6.79 9.53 -18.19
C PHE A 38 -5.95 9.88 -16.98
N TRP A 39 -6.62 10.29 -15.90
CA TRP A 39 -5.95 10.58 -14.63
C TRP A 39 -6.53 9.75 -13.53
N TYR A 40 -5.65 9.20 -12.69
CA TYR A 40 -6.05 8.35 -11.58
C TYR A 40 -5.52 8.88 -10.26
N GLN A 41 -6.24 8.58 -9.19
CA GLN A 41 -5.76 8.78 -7.84
C GLN A 41 -5.55 7.40 -7.25
N GLN A 42 -4.50 7.21 -6.46
CA GLN A 42 -4.31 5.93 -5.77
C GLN A 42 -3.77 6.12 -4.35
N LYS A 43 -4.42 5.44 -3.41
CA LYS A 43 -3.96 5.35 -2.02
C LYS A 43 -3.49 3.92 -1.74
N PRO A 44 -2.64 3.72 -0.71
CA PRO A 44 -2.10 2.38 -0.48
C PRO A 44 -3.18 1.33 -0.20
N GLY A 45 -2.95 0.11 -0.66
CA GLY A 45 -3.90 -0.99 -0.45
C GLY A 45 -5.13 -0.93 -1.32
N GLN A 46 -5.16 0.02 -2.26
CA GLN A 46 -6.33 0.24 -3.11
C GLN A 46 -5.95 0.32 -4.58
N PRO A 47 -6.87 -0.07 -5.48
CA PRO A 47 -6.65 0.13 -6.90
C PRO A 47 -6.62 1.62 -7.26
N PRO A 48 -6.02 1.96 -8.41
CA PRO A 48 -6.16 3.32 -8.92
C PRO A 48 -7.64 3.65 -9.09
N LYS A 49 -7.98 4.90 -8.84
CA LYS A 49 -9.35 5.39 -8.97
C LYS A 49 -9.39 6.43 -10.09
N LEU A 50 -10.17 6.17 -11.12
CA LEU A 50 -10.23 7.08 -12.25
C LEU A 50 -10.87 8.41 -11.85
N LEU A 51 -10.20 9.51 -12.18
CA LEU A 51 -10.66 10.85 -11.85
C LEU A 51 -11.20 11.56 -13.08
N ILE A 52 -10.41 11.49 -14.16
CA ILE A 52 -10.64 12.26 -15.38
C ILE A 52 -10.47 11.32 -16.56
N TYR A 53 -11.44 11.30 -17.46
CA TYR A 53 -11.34 10.48 -18.66
C TYR A 53 -11.39 11.30 -19.95
N LEU A 54 -10.75 10.80 -21.00
CA LEU A 54 -10.63 11.53 -22.27
C LEU A 54 -10.20 12.98 -22.06
N ALA A 55 -9.19 13.15 -21.21
CA ALA A 55 -8.51 14.42 -20.97
C ALA A 55 -9.23 15.44 -20.08
N SER A 56 -10.54 15.59 -20.25
CA SER A 56 -11.24 16.72 -19.62
C SER A 56 -12.57 16.38 -18.95
N ASN A 57 -12.91 15.10 -18.94
CA ASN A 57 -14.20 14.66 -18.43
C ASN A 57 -14.14 14.10 -17.02
N LEU A 58 -15.06 14.56 -16.18
CA LEU A 58 -15.11 14.17 -14.79
C LEU A 58 -15.78 12.81 -14.63
N GLU A 59 -15.09 11.90 -13.94
CA GLU A 59 -15.65 10.60 -13.62
C GLU A 59 -16.82 10.77 -12.63
N SER A 60 -17.86 9.95 -12.80
CA SER A 60 -18.98 9.95 -11.87
C SER A 60 -18.51 9.62 -10.45
N GLY A 61 -18.98 10.38 -9.48
CA GLY A 61 -18.64 10.14 -8.08
C GLY A 61 -17.33 10.79 -7.65
N VAL A 62 -16.74 11.60 -8.52
CA VAL A 62 -15.52 12.34 -8.22
C VAL A 62 -15.85 13.82 -8.03
N PRO A 63 -15.32 14.47 -6.97
CA PRO A 63 -15.57 15.90 -6.76
C PRO A 63 -15.11 16.75 -7.94
N ALA A 64 -15.86 17.81 -8.22
CA ALA A 64 -15.53 18.75 -9.29
C ALA A 64 -14.32 19.63 -8.96
N ARG A 65 -13.72 19.43 -7.78
CA ARG A 65 -12.42 20.02 -7.45
C ARG A 65 -11.31 19.51 -8.37
N PHE A 66 -11.55 18.34 -8.97
CA PHE A 66 -10.65 17.75 -9.96
C PHE A 66 -11.06 18.17 -11.37
N SER A 67 -10.10 18.67 -12.14
CA SER A 67 -10.33 18.96 -13.56
C SER A 67 -9.10 18.64 -14.39
N GLY A 68 -9.32 18.27 -15.65
CA GLY A 68 -8.25 17.95 -16.57
C GLY A 68 -8.34 18.79 -17.83
N SER A 69 -7.19 19.16 -18.39
CA SER A 69 -7.15 19.90 -19.63
C SER A 69 -5.99 19.43 -20.53
N GLY A 70 -5.98 19.92 -21.77
CA GLY A 70 -4.89 19.64 -22.70
C GLY A 70 -5.28 18.78 -23.88
N SER A 71 -4.36 18.67 -24.83
CA SER A 71 -4.53 17.86 -26.04
C SER A 71 -3.15 17.56 -26.62
N GLY A 72 -3.10 16.63 -27.58
CA GLY A 72 -1.85 16.30 -28.26
C GLY A 72 -0.88 15.60 -27.32
N THR A 73 0.15 16.32 -26.90
CA THR A 73 1.21 15.76 -26.05
C THR A 73 1.27 16.37 -24.66
N ASP A 74 0.43 17.37 -24.39
CA ASP A 74 0.54 18.12 -23.13
C ASP A 74 -0.78 18.18 -22.37
N PHE A 75 -0.75 17.66 -21.14
CA PHE A 75 -1.94 17.51 -20.31
C PHE A 75 -1.70 17.93 -18.87
N THR A 76 -2.77 18.38 -18.22
CA THR A 76 -2.67 18.93 -16.88
C THR A 76 -3.85 18.47 -16.04
N LEU A 77 -3.55 18.00 -14.83
CA LEU A 77 -4.56 17.74 -13.82
C LEU A 77 -4.49 18.87 -12.81
N ASN A 78 -5.65 19.44 -12.50
CA ASN A 78 -5.75 20.49 -11.48
C ASN A 78 -6.63 20.05 -10.34
N ILE A 79 -6.17 20.34 -9.11
CA ILE A 79 -6.97 20.08 -7.92
C ILE A 79 -7.14 21.39 -7.17
N HIS A 80 -8.39 21.83 -6.97
CA HIS A 80 -8.67 23.11 -6.30
C HIS A 80 -10.11 23.19 -5.85
N PRO A 81 -10.34 23.45 -4.55
CA PRO A 81 -9.30 23.55 -3.53
C PRO A 81 -8.76 22.18 -3.11
N VAL A 82 -7.48 22.13 -2.76
CA VAL A 82 -6.87 20.92 -2.19
C VAL A 82 -7.42 20.64 -0.79
N GLU A 83 -7.83 19.39 -0.55
CA GLU A 83 -8.35 18.94 0.75
C GLU A 83 -7.43 17.87 1.34
N GLU A 84 -7.59 17.61 2.65
CA GLU A 84 -6.76 16.62 3.37
C GLU A 84 -6.77 15.24 2.70
N GLU A 85 -7.96 14.82 2.26
CA GLU A 85 -8.14 13.50 1.67
C GLU A 85 -7.51 13.35 0.27
N ASP A 86 -6.93 14.42 -0.25
CA ASP A 86 -6.24 14.36 -1.54
C ASP A 86 -4.81 13.84 -1.44
N ALA A 87 -4.32 13.62 -0.22
CA ALA A 87 -3.01 12.98 -0.02
C ALA A 87 -3.04 11.62 -0.69
N ALA A 88 -2.24 11.45 -1.75
CA ALA A 88 -2.33 10.29 -2.63
C ALA A 88 -1.26 10.37 -3.70
N ALA A 89 -1.13 9.28 -4.46
CA ALA A 89 -0.36 9.30 -5.71
C ALA A 89 -1.32 9.57 -6.86
N TYR A 90 -0.84 10.24 -7.89
CA TYR A 90 -1.63 10.53 -9.09
C TYR A 90 -0.91 10.03 -10.34
N TYR A 91 -1.64 9.38 -11.24
CA TYR A 91 -1.06 8.81 -12.45
C TYR A 91 -1.82 9.22 -13.68
N CYS A 92 -1.08 9.49 -14.76
CA CYS A 92 -1.68 9.59 -16.08
C CYS A 92 -1.53 8.29 -16.86
N GLN A 93 -2.34 8.15 -17.90
CA GLN A 93 -2.38 6.97 -18.75
C GLN A 93 -2.97 7.36 -20.11
N HIS A 94 -2.52 6.72 -21.18
CA HIS A 94 -3.12 6.92 -22.49
C HIS A 94 -3.71 5.63 -22.99
N SER A 95 -4.65 5.74 -23.94
CA SER A 95 -5.19 4.59 -24.64
C SER A 95 -5.25 4.85 -26.14
N ARG A 96 -4.31 5.66 -26.62
CA ARG A 96 -4.20 6.06 -28.04
C ARG A 96 -3.86 4.89 -28.95
N GLU A 97 -3.07 3.94 -28.42
CA GLU A 97 -2.57 2.81 -29.20
C GLU A 97 -2.14 1.69 -28.25
N ILE A 98 -1.94 0.50 -28.81
CA ILE A 98 -1.36 -0.63 -28.08
C ILE A 98 0.17 -0.47 -28.11
N PRO A 99 0.83 -0.55 -26.94
CA PRO A 99 0.26 -0.78 -25.61
C PRO A 99 -0.19 0.50 -24.91
N TYR A 100 -1.24 0.40 -24.11
CA TYR A 100 -1.56 1.45 -23.16
C TYR A 100 -0.38 1.55 -22.19
N THR A 101 0.01 2.78 -21.84
CA THR A 101 1.09 3.01 -20.87
C THR A 101 0.70 4.10 -19.87
N PHE A 102 1.39 4.09 -18.73
CA PHE A 102 1.13 4.99 -17.62
C PHE A 102 2.32 5.92 -17.38
N GLY A 103 2.04 7.11 -16.86
CA GLY A 103 3.07 7.97 -16.31
C GLY A 103 3.66 7.35 -15.04
N GLY A 104 4.80 7.88 -14.60
CA GLY A 104 5.51 7.36 -13.43
C GLY A 104 4.92 7.73 -12.09
N GLY A 105 3.90 8.59 -12.09
CA GLY A 105 3.23 8.97 -10.85
C GLY A 105 3.75 10.24 -10.20
N THR A 106 2.86 10.91 -9.48
CA THR A 106 3.19 12.10 -8.71
C THR A 106 2.61 11.93 -7.31
N LYS A 107 3.44 12.15 -6.29
CA LYS A 107 2.97 12.10 -4.91
C LYS A 107 2.57 13.49 -4.45
N LEU A 108 1.30 13.64 -4.07
CA LEU A 108 0.81 14.88 -3.47
C LEU A 108 0.85 14.77 -1.95
N GLU A 109 1.60 15.69 -1.33
CA GLU A 109 1.65 15.81 0.12
C GLU A 109 0.85 17.05 0.47
N ILE A 110 0.01 16.93 1.50
CA ILE A 110 -0.76 18.06 2.01
C ILE A 110 0.06 18.75 3.10
N LYS A 111 0.38 20.01 2.88
CA LYS A 111 1.10 20.79 3.89
C LYS A 111 0.18 21.01 5.09
N ARG A 112 0.76 20.93 6.28
CA ARG A 112 0.05 21.25 7.50
C ARG A 112 1.07 21.85 8.44
N THR A 113 0.62 22.28 9.62
CA THR A 113 1.53 22.82 10.62
C THR A 113 2.46 21.75 11.18
N VAL A 114 3.63 22.16 11.64
CA VAL A 114 4.56 21.24 12.30
C VAL A 114 3.88 20.58 13.49
N ALA A 115 4.01 19.25 13.59
CA ALA A 115 3.45 18.50 14.71
C ALA A 115 4.49 17.52 15.23
N ALA A 116 4.78 17.60 16.53
CA ALA A 116 5.72 16.70 17.17
C ALA A 116 5.14 15.30 17.28
N PRO A 117 5.98 14.26 17.18
CA PRO A 117 5.50 12.90 17.43
C PRO A 117 5.22 12.64 18.91
N SER A 118 4.20 11.84 19.18
CA SER A 118 4.01 11.23 20.50
C SER A 118 4.82 9.94 20.43
N VAL A 119 5.69 9.72 21.40
CA VAL A 119 6.61 8.60 21.34
C VAL A 119 6.23 7.54 22.39
N PHE A 120 6.25 6.28 21.96
CA PHE A 120 5.91 5.14 22.83
C PHE A 120 6.93 4.03 22.63
N ILE A 121 7.30 3.37 23.72
CA ILE A 121 8.23 2.23 23.63
C ILE A 121 7.53 0.96 24.14
N PHE A 122 7.76 -0.15 23.46
CA PHE A 122 7.15 -1.42 23.84
C PHE A 122 8.22 -2.48 24.06
N PRO A 123 8.27 -3.08 25.27
CA PRO A 123 9.18 -4.20 25.50
C PRO A 123 8.72 -5.43 24.70
N PRO A 124 9.63 -6.40 24.49
CA PRO A 124 9.17 -7.65 23.89
C PRO A 124 8.21 -8.36 24.83
N SER A 125 7.21 -9.03 24.26
CA SER A 125 6.25 -9.79 25.06
C SER A 125 6.91 -11.05 25.63
N ASP A 126 6.37 -11.56 26.73
CA ASP A 126 6.86 -12.81 27.31
C ASP A 126 6.66 -13.96 26.32
N GLU A 127 5.52 -13.94 25.65
CA GLU A 127 5.20 -14.92 24.60
C GLU A 127 6.32 -15.01 23.55
N GLN A 128 6.80 -13.87 23.06
CA GLN A 128 7.88 -13.85 22.06
C GLN A 128 9.21 -14.37 22.62
N LEU A 129 9.51 -14.00 23.85
CA LEU A 129 10.78 -14.40 24.48
C LEU A 129 10.94 -15.92 24.55
N LYS A 130 9.82 -16.64 24.66
CA LYS A 130 9.82 -18.11 24.56
C LYS A 130 10.44 -18.62 23.26
N SER A 131 10.33 -17.82 22.19
CA SER A 131 10.78 -18.22 20.85
C SER A 131 12.28 -18.02 20.61
N GLY A 132 12.98 -17.39 21.54
CA GLY A 132 14.41 -17.15 21.40
C GLY A 132 14.81 -15.81 20.82
N THR A 133 13.81 -15.00 20.45
CA THR A 133 14.05 -13.65 19.90
C THR A 133 13.30 -12.58 20.70
N ALA A 134 13.88 -11.38 20.74
CA ALA A 134 13.26 -10.22 21.37
C ALA A 134 13.15 -9.05 20.38
N SER A 135 11.93 -8.56 20.19
CA SER A 135 11.70 -7.37 19.38
C SER A 135 11.29 -6.22 20.29
N VAL A 136 12.03 -5.12 20.21
CA VAL A 136 11.69 -3.92 20.96
C VAL A 136 11.15 -2.92 19.95
N VAL A 137 9.96 -2.37 20.23
CA VAL A 137 9.27 -1.48 19.28
C VAL A 137 9.14 -0.04 19.80
N CYS A 138 9.53 0.91 18.96
CA CYS A 138 9.33 2.32 19.25
C CYS A 138 8.36 2.92 18.24
N LEU A 139 7.34 3.62 18.74
CA LEU A 139 6.31 4.21 17.91
C LEU A 139 6.40 5.74 17.96
N LEU A 140 6.43 6.35 16.79
CA LEU A 140 6.36 7.81 16.66
C LEU A 140 5.02 8.09 16.04
N ASN A 141 4.11 8.66 16.82
CA ASN A 141 2.72 8.79 16.39
C ASN A 141 2.33 10.20 15.95
N ASN A 142 1.77 10.31 14.73
CA ASN A 142 1.12 11.53 14.22
C ASN A 142 1.99 12.78 14.22
N PHE A 143 3.04 12.76 13.41
CA PHE A 143 3.97 13.89 13.32
C PHE A 143 4.01 14.48 11.92
N TYR A 144 4.52 15.71 11.81
CA TYR A 144 4.69 16.37 10.52
C TYR A 144 5.77 17.44 10.67
N PRO A 145 6.69 17.57 9.69
CA PRO A 145 6.83 16.82 8.43
C PRO A 145 7.40 15.41 8.63
N ARG A 146 7.57 14.67 7.53
CA ARG A 146 7.92 13.25 7.60
C ARG A 146 9.31 12.94 8.17
N GLU A 147 10.24 13.88 7.99
CA GLU A 147 11.63 13.69 8.42
C GLU A 147 11.75 13.51 9.93
N ALA A 148 12.33 12.39 10.35
CA ALA A 148 12.48 12.07 11.77
C ALA A 148 13.68 11.17 11.96
N LYS A 149 14.31 11.27 13.13
CA LYS A 149 15.46 10.42 13.43
C LYS A 149 15.19 9.61 14.69
N VAL A 150 15.39 8.30 14.59
CA VAL A 150 15.22 7.40 15.73
C VAL A 150 16.55 6.74 16.02
N GLN A 151 16.97 6.80 17.28
CA GLN A 151 18.19 6.13 17.73
C GLN A 151 17.89 5.20 18.89
N TRP A 152 18.46 4.01 18.82
CA TRP A 152 18.28 2.99 19.85
C TRP A 152 19.47 2.96 20.77
N LYS A 153 19.19 2.95 22.08
CA LYS A 153 20.24 2.85 23.09
C LYS A 153 19.98 1.65 23.97
N VAL A 154 20.99 0.78 24.10
CA VAL A 154 20.92 -0.36 25.02
C VAL A 154 22.03 -0.22 26.07
N ASP A 155 21.61 -0.11 27.34
CA ASP A 155 22.52 0.27 28.44
C ASP A 155 23.40 1.46 28.06
N ASN A 156 22.76 2.51 27.54
CA ASN A 156 23.42 3.74 27.11
C ASN A 156 24.37 3.59 25.90
N ALA A 157 24.36 2.42 25.28
CA ALA A 157 25.19 2.16 24.10
C ALA A 157 24.38 2.30 22.80
N LEU A 158 24.85 3.18 21.92
CA LEU A 158 24.18 3.47 20.65
C LEU A 158 24.19 2.24 19.74
N GLN A 159 23.02 1.89 19.22
CA GLN A 159 22.86 0.68 18.41
C GLN A 159 23.01 0.98 16.93
N SER A 160 23.49 0.00 16.18
CA SER A 160 23.67 0.14 14.74
C SER A 160 23.49 -1.21 14.05
N GLY A 161 22.73 -1.21 12.97
CA GLY A 161 22.56 -2.40 12.12
C GLY A 161 21.54 -3.43 12.54
N ASN A 162 20.91 -3.23 13.70
CA ASN A 162 19.94 -4.18 14.23
C ASN A 162 18.51 -3.61 14.38
N SER A 163 18.24 -2.54 13.63
CA SER A 163 16.91 -1.94 13.63
C SER A 163 16.33 -1.77 12.24
N GLN A 164 15.00 -1.79 12.16
CA GLN A 164 14.29 -1.57 10.92
C GLN A 164 13.11 -0.65 11.21
N GLU A 165 12.83 0.25 10.27
CA GLU A 165 11.69 1.14 10.45
C GLU A 165 10.83 1.21 9.21
N SER A 166 9.58 1.60 9.41
CA SER A 166 8.68 1.87 8.29
C SER A 166 7.74 3.00 8.66
N VAL A 167 7.27 3.69 7.64
CA VAL A 167 6.51 4.93 7.84
C VAL A 167 5.20 4.76 7.09
N THR A 168 4.10 5.22 7.70
CA THR A 168 2.80 5.18 7.04
C THR A 168 2.77 6.21 5.92
N GLU A 169 1.79 6.07 5.03
CA GLU A 169 1.41 7.12 4.10
C GLU A 169 0.82 8.28 4.91
N GLN A 170 0.76 9.46 4.33
CA GLN A 170 0.15 10.60 5.00
C GLN A 170 -1.33 10.36 5.36
N ASP A 171 -1.72 10.72 6.58
CA ASP A 171 -3.09 10.49 7.06
C ASP A 171 -4.10 11.32 6.28
N SER A 172 -5.20 10.68 5.88
CA SER A 172 -6.21 11.34 5.04
C SER A 172 -7.05 12.38 5.78
N LYS A 173 -6.98 12.38 7.11
CA LYS A 173 -7.77 13.30 7.94
C LYS A 173 -6.92 14.41 8.55
N ASP A 174 -5.82 14.03 9.19
CA ASP A 174 -5.01 15.01 9.93
C ASP A 174 -3.66 15.35 9.28
N SER A 175 -3.40 14.76 8.11
CA SER A 175 -2.21 15.07 7.30
C SER A 175 -0.87 14.74 8.00
N THR A 176 -0.90 13.86 8.99
CA THR A 176 0.33 13.48 9.70
C THR A 176 0.91 12.16 9.17
N TYR A 177 2.11 11.83 9.65
CA TYR A 177 2.74 10.54 9.41
C TYR A 177 2.97 9.86 10.75
N SER A 178 3.12 8.54 10.72
CA SER A 178 3.55 7.79 11.88
C SER A 178 4.66 6.83 11.46
N LEU A 179 5.50 6.44 12.42
CA LEU A 179 6.67 5.63 12.13
C LEU A 179 6.87 4.58 13.20
N SER A 180 7.25 3.37 12.77
CA SER A 180 7.52 2.27 13.68
C SER A 180 8.97 1.91 13.50
N SER A 181 9.72 1.81 14.59
CA SER A 181 11.08 1.28 14.55
C SER A 181 11.17 0.04 15.43
N THR A 182 11.75 -1.02 14.89
CA THR A 182 11.90 -2.28 15.61
C THR A 182 13.37 -2.62 15.78
N LEU A 183 13.78 -2.84 17.03
CA LEU A 183 15.10 -3.31 17.38
C LEU A 183 15.00 -4.81 17.63
N THR A 184 15.84 -5.58 16.95
CA THR A 184 15.79 -7.05 17.07
C THR A 184 17.04 -7.59 17.73
N LEU A 185 16.84 -8.32 18.81
CA LEU A 185 17.94 -8.93 19.56
C LEU A 185 17.62 -10.39 19.85
N SER A 186 18.65 -11.20 20.06
CA SER A 186 18.48 -12.54 20.57
C SER A 186 17.99 -12.43 22.02
N LYS A 187 17.28 -13.45 22.50
CA LYS A 187 16.84 -13.48 23.89
C LYS A 187 18.03 -13.33 24.83
N ALA A 188 19.15 -13.95 24.45
CA ALA A 188 20.39 -13.90 25.23
C ALA A 188 20.90 -12.48 25.42
N ASP A 189 21.00 -11.73 24.32
CA ASP A 189 21.44 -10.34 24.36
C ASP A 189 20.46 -9.44 25.12
N TYR A 190 19.17 -9.69 24.96
CA TYR A 190 18.13 -8.94 25.66
C TYR A 190 18.22 -9.12 27.17
N GLU A 191 18.43 -10.35 27.61
CA GLU A 191 18.53 -10.67 29.04
C GLU A 191 19.84 -10.18 29.67
N LYS A 192 20.86 -9.99 28.85
CA LYS A 192 22.16 -9.48 29.32
C LYS A 192 22.14 -7.99 29.71
N HIS A 193 21.15 -7.25 29.22
CA HIS A 193 21.11 -5.81 29.42
C HIS A 193 19.86 -5.31 30.09
N LYS A 194 19.93 -4.11 30.67
CA LYS A 194 18.85 -3.61 31.51
C LYS A 194 18.04 -2.48 30.87
N VAL A 195 18.74 -1.44 30.41
CA VAL A 195 18.08 -0.20 29.94
C VAL A 195 17.92 -0.19 28.43
N TYR A 196 16.67 -0.04 28.00
CA TYR A 196 16.34 0.01 26.57
C TYR A 196 15.68 1.33 26.24
N ALA A 197 16.31 2.10 25.36
CA ALA A 197 15.87 3.47 25.08
C ALA A 197 15.71 3.76 23.59
N CYS A 198 14.66 4.51 23.28
CA CYS A 198 14.42 5.02 21.94
C CYS A 198 14.50 6.54 22.01
N GLU A 199 15.42 7.13 21.26
CA GLU A 199 15.61 8.59 21.25
C GLU A 199 15.17 9.18 19.93
N VAL A 200 14.26 10.14 19.99
CA VAL A 200 13.60 10.70 18.82
C VAL A 200 13.97 12.16 18.61
N THR A 201 14.45 12.46 17.40
CA THR A 201 14.71 13.83 16.95
C THR A 201 13.71 14.20 15.85
N HIS A 202 13.05 15.35 16.03
CA HIS A 202 12.08 15.86 15.06
C HIS A 202 12.01 17.35 15.23
N GLN A 203 11.77 18.08 14.14
CA GLN A 203 11.78 19.56 14.22
C GLN A 203 10.66 20.12 15.10
N GLY A 204 9.61 19.33 15.32
CA GLY A 204 8.55 19.67 16.26
C GLY A 204 8.93 19.55 17.72
N LEU A 205 10.14 19.05 17.99
CA LEU A 205 10.65 18.87 19.35
C LEU A 205 11.81 19.83 19.61
N SER A 206 11.77 20.52 20.75
CA SER A 206 12.83 21.47 21.14
C SER A 206 14.17 20.77 21.32
N SER A 207 14.12 19.56 21.88
CA SER A 207 15.29 18.71 22.05
C SER A 207 14.81 17.25 21.95
N PRO A 208 15.73 16.29 21.75
CA PRO A 208 15.29 14.90 21.57
C PRO A 208 14.41 14.36 22.70
N VAL A 209 13.43 13.53 22.35
CA VAL A 209 12.60 12.86 23.34
C VAL A 209 13.07 11.41 23.46
N THR A 210 13.40 11.00 24.67
CA THR A 210 13.83 9.63 24.94
C THR A 210 12.75 8.91 25.74
N LYS A 211 12.29 7.78 25.22
CA LYS A 211 11.41 6.88 25.96
C LYS A 211 12.19 5.60 26.23
N SER A 212 12.10 5.11 27.46
CA SER A 212 12.89 3.95 27.86
C SER A 212 12.17 3.06 28.87
N PHE A 213 12.71 1.86 29.06
CA PHE A 213 12.26 0.97 30.12
C PHE A 213 13.44 0.17 30.66
N ASN A 214 13.26 -0.35 31.88
CA ASN A 214 14.19 -1.29 32.45
C ASN A 214 13.59 -2.69 32.39
N ARG A 215 14.33 -3.63 31.81
CA ARG A 215 13.89 -5.01 31.74
C ARG A 215 13.77 -5.55 33.17
N GLY A 216 12.56 -5.97 33.54
CA GLY A 216 12.29 -6.46 34.88
C GLY A 216 10.96 -5.96 35.44
N GLU B 1 -23.16 -1.47 -9.15
CA GLU B 1 -23.66 -2.67 -9.88
C GLU B 1 -22.52 -3.53 -10.43
N VAL B 2 -21.68 -2.94 -11.29
CA VAL B 2 -20.56 -3.65 -11.93
C VAL B 2 -19.39 -3.80 -10.97
N GLN B 3 -19.01 -5.05 -10.70
CA GLN B 3 -17.87 -5.34 -9.82
C GLN B 3 -16.94 -6.39 -10.41
N LEU B 4 -15.64 -6.17 -10.22
CA LEU B 4 -14.61 -7.10 -10.64
C LEU B 4 -13.84 -7.58 -9.42
N GLN B 5 -13.46 -8.85 -9.41
CA GLN B 5 -12.70 -9.41 -8.30
C GLN B 5 -11.65 -10.40 -8.78
N GLU B 6 -10.39 -10.12 -8.46
CA GLU B 6 -9.28 -11.00 -8.81
C GLU B 6 -9.21 -12.16 -7.83
N SER B 7 -8.73 -13.30 -8.33
CA SER B 7 -8.31 -14.40 -7.47
C SER B 7 -7.09 -15.08 -8.09
N GLY B 8 -6.23 -15.64 -7.25
CA GLY B 8 -4.99 -16.24 -7.71
C GLY B 8 -4.17 -16.76 -6.54
N PRO B 9 -3.02 -17.41 -6.83
CA PRO B 9 -2.30 -18.18 -5.83
C PRO B 9 -1.54 -17.38 -4.77
N GLY B 10 -1.14 -16.16 -5.09
CA GLY B 10 -0.35 -15.33 -4.18
C GLY B 10 1.16 -15.60 -4.21
N LEU B 11 1.52 -16.86 -4.46
CA LEU B 11 2.93 -17.26 -4.50
C LEU B 11 3.11 -18.29 -5.61
N VAL B 12 4.09 -18.06 -6.48
CA VAL B 12 4.48 -19.01 -7.54
C VAL B 12 6.00 -19.07 -7.61
N LYS B 13 6.53 -20.19 -8.07
CA LYS B 13 7.98 -20.38 -8.10
C LYS B 13 8.56 -19.86 -9.42
N PRO B 14 9.82 -19.37 -9.40
CA PRO B 14 10.48 -18.95 -10.64
C PRO B 14 10.41 -20.06 -11.68
N SER B 15 10.16 -19.67 -12.94
CA SER B 15 10.08 -20.57 -14.11
C SER B 15 8.71 -21.23 -14.33
N GLN B 16 7.84 -21.23 -13.34
N GLN B 16 7.84 -21.18 -13.32
CA GLN B 16 6.53 -21.83 -13.52
CA GLN B 16 6.52 -21.78 -13.42
C GLN B 16 5.52 -20.79 -14.00
C GLN B 16 5.53 -20.80 -14.06
N SER B 17 4.27 -21.21 -14.16
CA SER B 17 3.24 -20.36 -14.74
C SER B 17 2.40 -19.68 -13.67
N LEU B 18 1.96 -18.47 -13.98
CA LEU B 18 1.00 -17.76 -13.16
C LEU B 18 -0.35 -17.79 -13.84
N SER B 19 -1.40 -18.10 -13.08
CA SER B 19 -2.76 -18.07 -13.60
C SER B 19 -3.65 -17.29 -12.64
N LEU B 20 -4.33 -16.27 -13.17
CA LEU B 20 -5.24 -15.45 -12.36
C LEU B 20 -6.63 -15.42 -12.96
N THR B 21 -7.63 -15.23 -12.10
CA THR B 21 -9.03 -15.15 -12.51
C THR B 21 -9.62 -13.80 -12.10
N CYS B 22 -10.40 -13.21 -13.00
CA CYS B 22 -11.23 -12.07 -12.66
C CYS B 22 -12.69 -12.48 -12.81
N THR B 23 -13.42 -12.40 -11.70
CA THR B 23 -14.86 -12.67 -11.70
C THR B 23 -15.62 -11.35 -11.84
N VAL B 24 -16.47 -11.28 -12.87
CA VAL B 24 -17.27 -10.09 -13.11
C VAL B 24 -18.72 -10.36 -12.70
N THR B 25 -19.27 -9.46 -11.88
CA THR B 25 -20.67 -9.53 -11.47
C THR B 25 -21.38 -8.24 -11.85
N GLY B 26 -22.67 -8.33 -12.17
CA GLY B 26 -23.47 -7.15 -12.50
C GLY B 26 -23.31 -6.61 -13.90
N PHE B 27 -22.70 -7.41 -14.78
CA PHE B 27 -22.47 -7.03 -16.17
C PHE B 27 -21.89 -8.22 -16.92
N SER B 28 -22.41 -8.49 -18.10
CA SER B 28 -21.95 -9.63 -18.89
C SER B 28 -20.72 -9.26 -19.70
N ILE B 29 -19.68 -10.10 -19.63
CA ILE B 29 -18.42 -9.84 -20.33
C ILE B 29 -18.54 -9.99 -21.85
N THR B 30 -19.69 -10.46 -22.32
CA THR B 30 -19.95 -10.59 -23.76
C THR B 30 -20.77 -9.43 -24.33
N SER B 31 -21.34 -8.61 -23.45
CA SER B 31 -22.19 -7.50 -23.84
C SER B 31 -21.42 -6.37 -24.50
N ASP B 32 -20.35 -5.93 -23.83
CA ASP B 32 -19.57 -4.77 -24.23
C ASP B 32 -18.23 -4.78 -23.49
N TYR B 33 -17.39 -3.79 -23.79
CA TYR B 33 -16.13 -3.52 -23.07
C TYR B 33 -14.95 -4.40 -23.47
N ALA B 34 -13.75 -3.89 -23.21
CA ALA B 34 -12.53 -4.70 -23.21
C ALA B 34 -12.17 -4.96 -21.75
N TRP B 35 -11.72 -6.18 -21.48
CA TRP B 35 -11.48 -6.66 -20.13
C TRP B 35 -9.99 -6.85 -19.93
N ASN B 36 -9.41 -5.95 -19.15
CA ASN B 36 -7.95 -5.76 -19.07
C ASN B 36 -7.26 -6.37 -17.86
N TRP B 37 -5.97 -6.68 -18.04
CA TRP B 37 -5.08 -7.00 -16.94
C TRP B 37 -4.01 -5.96 -16.87
N ILE B 38 -3.80 -5.42 -15.67
CA ILE B 38 -2.87 -4.33 -15.40
C ILE B 38 -2.14 -4.72 -14.13
N ARG B 39 -0.82 -4.55 -14.11
CA ARG B 39 -0.09 -4.86 -12.87
C ARG B 39 0.73 -3.67 -12.36
N GLN B 40 0.99 -3.70 -11.06
CA GLN B 40 1.74 -2.64 -10.40
C GLN B 40 2.90 -3.26 -9.66
N PHE B 41 4.11 -2.87 -10.05
CA PHE B 41 5.34 -3.42 -9.49
C PHE B 41 5.59 -2.82 -8.10
N PRO B 42 6.46 -3.46 -7.30
CA PRO B 42 6.75 -3.00 -5.95
C PRO B 42 7.11 -1.52 -5.82
N GLY B 43 7.87 -0.98 -6.77
CA GLY B 43 8.23 0.45 -6.74
C GLY B 43 7.15 1.40 -7.25
N SER B 44 5.96 0.84 -7.52
CA SER B 44 4.70 1.54 -7.86
C SER B 44 4.41 1.75 -9.36
N LYS B 45 5.36 1.41 -10.24
CA LYS B 45 5.14 1.56 -11.69
C LYS B 45 3.99 0.68 -12.17
N LEU B 46 3.13 1.24 -13.02
CA LEU B 46 1.99 0.51 -13.57
C LEU B 46 2.24 0.08 -15.01
N GLU B 47 1.82 -1.14 -15.33
CA GLU B 47 1.99 -1.69 -16.67
C GLU B 47 0.72 -2.39 -17.14
N TRP B 48 0.25 -1.97 -18.32
CA TRP B 48 -0.89 -2.64 -18.95
C TRP B 48 -0.39 -3.88 -19.64
N MET B 49 -1.05 -5.00 -19.38
CA MET B 49 -0.59 -6.30 -19.88
C MET B 49 -1.32 -6.79 -21.14
N GLY B 50 -2.65 -6.67 -21.13
CA GLY B 50 -3.45 -7.11 -22.27
C GLY B 50 -4.94 -7.09 -21.95
N PHE B 51 -5.76 -7.32 -22.96
CA PHE B 51 -7.19 -7.45 -22.74
C PHE B 51 -7.83 -8.54 -23.60
N ILE B 52 -9.05 -8.92 -23.24
CA ILE B 52 -9.93 -9.70 -24.12
C ILE B 52 -11.23 -8.89 -24.25
N SER B 53 -11.69 -8.72 -25.48
CA SER B 53 -12.92 -7.94 -25.73
C SER B 53 -14.16 -8.80 -25.52
N TYR B 54 -15.32 -8.13 -25.54
CA TYR B 54 -16.62 -8.80 -25.45
C TYR B 54 -16.81 -9.85 -26.55
N SER B 55 -16.09 -9.68 -27.66
CA SER B 55 -16.18 -10.61 -28.80
C SER B 55 -15.10 -11.70 -28.77
N GLY B 56 -14.17 -11.59 -27.84
CA GLY B 56 -13.11 -12.59 -27.69
C GLY B 56 -11.78 -12.24 -28.35
N ASP B 57 -11.71 -11.11 -29.04
CA ASP B 57 -10.45 -10.62 -29.60
C ASP B 57 -9.52 -10.19 -28.48
N THR B 58 -8.22 -10.46 -28.63
CA THR B 58 -7.24 -10.09 -27.62
C THR B 58 -6.19 -9.11 -28.16
N SER B 59 -5.67 -8.28 -27.25
CA SER B 59 -4.55 -7.40 -27.54
C SER B 59 -3.60 -7.53 -26.37
N PHE B 60 -2.30 -7.61 -26.68
CA PHE B 60 -1.28 -7.80 -25.64
C PHE B 60 -0.22 -6.70 -25.70
N ASN B 61 0.40 -6.44 -24.55
CA ASN B 61 1.61 -5.61 -24.52
C ASN B 61 2.72 -6.40 -25.24
N PRO B 62 3.37 -5.77 -26.26
CA PRO B 62 4.45 -6.43 -27.01
C PRO B 62 5.59 -6.97 -26.13
N SER B 63 5.82 -6.34 -24.98
CA SER B 63 6.85 -6.79 -24.02
C SER B 63 6.54 -8.15 -23.40
N LEU B 64 5.29 -8.60 -23.50
CA LEU B 64 4.84 -9.86 -22.88
C LEU B 64 4.35 -10.90 -23.88
N LYS B 65 4.21 -10.52 -25.15
CA LYS B 65 3.52 -11.35 -26.15
C LYS B 65 3.91 -12.83 -26.19
N SER B 66 5.19 -13.13 -25.96
CA SER B 66 5.68 -14.51 -26.04
C SER B 66 5.27 -15.39 -24.85
N ARG B 67 4.78 -14.80 -23.76
CA ARG B 67 4.44 -15.61 -22.58
C ARG B 67 3.07 -15.30 -21.96
N ILE B 68 2.32 -14.39 -22.58
CA ILE B 68 1.00 -13.98 -22.07
C ILE B 68 -0.16 -14.66 -22.83
N SER B 69 -1.15 -15.09 -22.06
CA SER B 69 -2.44 -15.54 -22.60
C SER B 69 -3.56 -14.87 -21.81
N VAL B 70 -4.56 -14.35 -22.52
CA VAL B 70 -5.78 -13.84 -21.88
C VAL B 70 -6.96 -14.61 -22.47
N THR B 71 -7.71 -15.30 -21.60
CA THR B 71 -8.83 -16.15 -22.03
C THR B 71 -10.08 -15.84 -21.21
N ARG B 72 -11.19 -16.50 -21.52
CA ARG B 72 -12.44 -16.27 -20.78
C ARG B 72 -13.31 -17.52 -20.61
N ASP B 73 -14.22 -17.44 -19.65
CA ASP B 73 -15.27 -18.43 -19.46
C ASP B 73 -16.58 -17.67 -19.36
N THR B 74 -17.29 -17.59 -20.48
CA THR B 74 -18.54 -16.80 -20.58
C THR B 74 -19.66 -17.35 -19.71
N SER B 75 -19.65 -18.65 -19.46
CA SER B 75 -20.67 -19.30 -18.62
C SER B 75 -20.50 -18.94 -17.14
N LYS B 76 -19.27 -18.64 -16.73
CA LYS B 76 -18.98 -18.23 -15.36
C LYS B 76 -18.79 -16.71 -15.27
N ASN B 77 -18.87 -16.03 -16.40
CA ASN B 77 -18.63 -14.59 -16.51
C ASN B 77 -17.27 -14.21 -15.92
N GLN B 78 -16.25 -14.97 -16.30
CA GLN B 78 -14.89 -14.79 -15.80
C GLN B 78 -13.92 -14.63 -16.96
N PHE B 79 -12.85 -13.88 -16.73
CA PHE B 79 -11.72 -13.89 -17.67
C PHE B 79 -10.41 -14.13 -16.91
N PHE B 80 -9.38 -14.51 -17.66
CA PHE B 80 -8.19 -15.11 -17.05
C PHE B 80 -6.90 -14.51 -17.58
N LEU B 81 -5.87 -14.55 -16.74
CA LEU B 81 -4.52 -14.23 -17.15
C LEU B 81 -3.66 -15.47 -16.97
N GLN B 82 -2.88 -15.79 -18.01
CA GLN B 82 -1.80 -16.76 -17.86
C GLN B 82 -0.49 -16.09 -18.25
N LEU B 83 0.49 -16.19 -17.36
CA LEU B 83 1.83 -15.69 -17.65
C LEU B 83 2.85 -16.79 -17.42
N ASN B 84 3.53 -17.20 -18.48
CA ASN B 84 4.48 -18.32 -18.40
C ASN B 84 5.86 -17.87 -17.99
N SER B 85 6.66 -18.84 -17.54
CA SER B 85 8.10 -18.63 -17.32
C SER B 85 8.37 -17.41 -16.44
N VAL B 86 7.62 -17.29 -15.37
CA VAL B 86 7.75 -16.11 -14.50
C VAL B 86 9.13 -16.01 -13.87
N THR B 87 9.55 -14.78 -13.64
CA THR B 87 10.77 -14.49 -12.90
C THR B 87 10.39 -13.59 -11.72
N THR B 88 11.38 -13.28 -10.89
CA THR B 88 11.17 -12.40 -9.75
C THR B 88 10.72 -11.00 -10.18
N GLU B 89 10.98 -10.66 -11.45
CA GLU B 89 10.52 -9.39 -12.03
C GLU B 89 9.01 -9.36 -12.29
N ASP B 90 8.35 -10.50 -12.13
CA ASP B 90 6.88 -10.59 -12.26
C ASP B 90 6.14 -10.45 -10.93
N THR B 91 6.89 -10.27 -9.84
CA THR B 91 6.30 -9.94 -8.54
C THR B 91 5.62 -8.57 -8.66
N ALA B 92 4.33 -8.54 -8.34
CA ALA B 92 3.53 -7.33 -8.54
C ALA B 92 2.16 -7.53 -7.91
N THR B 93 1.39 -6.46 -7.86
CA THR B 93 -0.04 -6.56 -7.57
C THR B 93 -0.77 -6.51 -8.91
N TYR B 94 -1.62 -7.51 -9.13
CA TYR B 94 -2.31 -7.67 -10.41
C TYR B 94 -3.75 -7.20 -10.30
N TYR B 95 -4.17 -6.40 -11.27
CA TYR B 95 -5.53 -5.82 -11.30
C TYR B 95 -6.26 -6.21 -12.57
N CYS B 96 -7.56 -6.45 -12.47
CA CYS B 96 -8.42 -6.46 -13.66
C CYS B 96 -9.24 -5.18 -13.73
N ALA B 97 -9.48 -4.70 -14.95
CA ALA B 97 -10.19 -3.44 -15.19
C ALA B 97 -10.94 -3.46 -16.52
N SER B 98 -12.08 -2.78 -16.53
CA SER B 98 -12.90 -2.64 -17.74
C SER B 98 -12.45 -1.43 -18.57
N TYR B 99 -12.73 -1.47 -19.86
CA TYR B 99 -12.56 -0.32 -20.76
C TYR B 99 -13.70 -0.31 -21.77
N ASP B 100 -14.35 0.85 -21.95
CA ASP B 100 -15.48 0.94 -22.89
C ASP B 100 -15.24 1.84 -24.11
N GLY B 101 -14.01 2.31 -24.29
CA GLY B 101 -13.69 3.25 -25.36
C GLY B 101 -13.75 4.71 -24.92
N TYR B 102 -14.22 4.94 -23.69
CA TYR B 102 -14.26 6.29 -23.13
C TYR B 102 -13.44 6.37 -21.82
N SER B 103 -13.53 5.31 -21.01
CA SER B 103 -13.03 5.36 -19.65
C SER B 103 -12.74 3.96 -19.10
N PHE B 104 -11.82 3.90 -18.12
CA PHE B 104 -11.51 2.67 -17.40
C PHE B 104 -12.21 2.73 -16.04
N ASP B 105 -13.50 2.42 -16.04
CA ASP B 105 -14.37 2.73 -14.91
C ASP B 105 -14.22 1.80 -13.71
N TYR B 106 -14.12 0.50 -13.98
CA TYR B 106 -14.27 -0.50 -12.93
C TYR B 106 -12.99 -1.31 -12.77
N TRP B 107 -12.49 -1.38 -11.53
CA TRP B 107 -11.27 -2.10 -11.19
C TRP B 107 -11.49 -3.11 -10.10
N GLY B 108 -10.76 -4.22 -10.16
CA GLY B 108 -10.74 -5.18 -9.04
C GLY B 108 -10.02 -4.61 -7.83
N GLN B 109 -10.05 -5.34 -6.71
CA GLN B 109 -9.36 -4.90 -5.51
C GLN B 109 -7.85 -5.13 -5.62
N GLY B 110 -7.44 -5.92 -6.60
CA GLY B 110 -6.06 -6.31 -6.77
C GLY B 110 -5.72 -7.60 -6.05
N THR B 111 -4.80 -8.38 -6.62
CA THR B 111 -4.27 -9.56 -5.95
C THR B 111 -2.74 -9.50 -5.97
N THR B 112 -2.15 -9.71 -4.80
CA THR B 112 -0.70 -9.63 -4.64
C THR B 112 -0.10 -10.97 -5.09
N LEU B 113 0.94 -10.90 -5.91
CA LEU B 113 1.62 -12.11 -6.38
C LEU B 113 3.13 -12.01 -6.23
N THR B 114 3.71 -12.98 -5.52
CA THR B 114 5.15 -13.02 -5.29
C THR B 114 5.75 -14.21 -6.00
N VAL B 115 6.82 -13.97 -6.76
CA VAL B 115 7.57 -15.04 -7.40
C VAL B 115 8.78 -15.35 -6.52
N SER B 116 8.78 -16.54 -5.91
CA SER B 116 9.84 -16.93 -4.99
C SER B 116 9.85 -18.44 -4.84
N SER B 117 11.03 -19.00 -4.58
CA SER B 117 11.16 -20.42 -4.30
C SER B 117 10.84 -20.74 -2.84
N ALA B 118 10.74 -19.71 -2.00
CA ALA B 118 10.47 -19.89 -0.56
C ALA B 118 9.05 -20.37 -0.31
N SER B 119 8.87 -21.15 0.75
CA SER B 119 7.57 -21.69 1.12
C SER B 119 6.73 -20.68 1.90
N THR B 120 5.43 -20.90 1.91
CA THR B 120 4.51 -20.09 2.70
C THR B 120 4.74 -20.33 4.18
N LYS B 121 4.63 -19.27 4.97
CA LYS B 121 4.78 -19.34 6.42
C LYS B 121 3.77 -18.42 7.10
N GLY B 122 3.05 -18.95 8.08
CA GLY B 122 2.08 -18.14 8.84
C GLY B 122 2.75 -17.27 9.90
N PRO B 123 2.16 -16.11 10.20
CA PRO B 123 2.78 -15.20 11.17
C PRO B 123 2.60 -15.65 12.60
N SER B 124 3.53 -15.24 13.46
CA SER B 124 3.31 -15.22 14.90
C SER B 124 2.82 -13.84 15.24
N VAL B 125 1.82 -13.76 16.12
CA VAL B 125 1.27 -12.46 16.52
C VAL B 125 1.57 -12.25 18.00
N PHE B 126 2.26 -11.15 18.31
CA PHE B 126 2.62 -10.82 19.69
C PHE B 126 1.99 -9.48 20.09
N PRO B 127 1.53 -9.36 21.36
CA PRO B 127 0.94 -8.10 21.79
C PRO B 127 1.99 -7.02 22.04
N LEU B 128 1.64 -5.77 21.78
CA LEU B 128 2.43 -4.62 22.15
C LEU B 128 1.63 -3.97 23.27
N ALA B 129 2.00 -4.31 24.51
CA ALA B 129 1.15 -4.01 25.67
C ALA B 129 1.24 -2.53 26.04
N PRO B 130 0.08 -1.91 26.36
CA PRO B 130 0.13 -0.56 26.90
C PRO B 130 0.62 -0.59 28.36
N SER B 131 1.52 0.32 28.72
CA SER B 131 2.06 0.34 30.09
C SER B 131 1.45 1.49 30.90
N GLY B 138 -4.12 10.49 30.18
CA GLY B 138 -4.04 11.01 28.81
C GLY B 138 -4.26 9.93 27.76
N THR B 139 -3.29 9.76 26.87
CA THR B 139 -3.39 8.84 25.74
C THR B 139 -2.43 7.67 25.91
N ALA B 140 -2.92 6.47 25.60
CA ALA B 140 -2.09 5.27 25.66
C ALA B 140 -2.00 4.66 24.26
N ALA B 141 -0.89 3.96 23.99
CA ALA B 141 -0.74 3.25 22.73
C ALA B 141 -0.59 1.76 22.99
N LEU B 142 -1.17 0.96 22.10
CA LEU B 142 -1.05 -0.48 22.15
C LEU B 142 -1.04 -1.01 20.73
N GLY B 143 -0.69 -2.28 20.56
CA GLY B 143 -0.60 -2.83 19.22
C GLY B 143 -0.34 -4.31 19.16
N CYS B 144 -0.01 -4.77 17.97
CA CYS B 144 0.38 -6.14 17.73
C CYS B 144 1.54 -6.17 16.78
N LEU B 145 2.48 -7.06 17.06
CA LEU B 145 3.58 -7.34 16.16
C LEU B 145 3.26 -8.62 15.42
N VAL B 146 3.21 -8.52 14.09
CA VAL B 146 2.88 -9.63 13.21
C VAL B 146 4.18 -10.01 12.53
N LYS B 147 4.78 -11.11 12.99
CA LYS B 147 6.17 -11.43 12.71
C LYS B 147 6.33 -12.77 12.01
N ASP B 148 7.28 -12.80 11.07
CA ASP B 148 7.79 -14.03 10.46
C ASP B 148 6.81 -14.76 9.54
N TYR B 149 6.21 -14.02 8.62
CA TYR B 149 5.33 -14.59 7.61
C TYR B 149 5.88 -14.41 6.19
N PHE B 150 5.34 -15.21 5.27
CA PHE B 150 5.68 -15.17 3.85
C PHE B 150 4.58 -15.87 3.08
N PRO B 151 4.14 -15.30 1.94
CA PRO B 151 4.50 -14.00 1.37
C PRO B 151 3.54 -12.93 1.89
N GLU B 152 3.62 -11.72 1.32
CA GLU B 152 2.60 -10.69 1.50
C GLU B 152 1.27 -11.13 0.88
N PRO B 153 0.14 -10.57 1.36
CA PRO B 153 0.03 -9.58 2.41
C PRO B 153 -0.59 -10.15 3.70
N VAL B 154 -0.59 -9.37 4.77
CA VAL B 154 -1.47 -9.63 5.91
C VAL B 154 -2.47 -8.49 6.01
N THR B 155 -3.62 -8.76 6.62
CA THR B 155 -4.56 -7.70 7.00
C THR B 155 -4.67 -7.69 8.51
N VAL B 156 -4.86 -6.50 9.08
CA VAL B 156 -5.06 -6.37 10.52
C VAL B 156 -6.27 -5.45 10.73
N SER B 157 -7.21 -5.87 11.57
CA SER B 157 -8.22 -4.96 12.08
C SER B 157 -8.19 -4.99 13.60
N TRP B 158 -8.99 -4.12 14.23
CA TRP B 158 -9.04 -4.02 15.68
C TRP B 158 -10.45 -4.17 16.18
N ASN B 159 -10.62 -5.02 17.21
CA ASN B 159 -11.94 -5.31 17.77
C ASN B 159 -12.97 -5.63 16.69
N SER B 160 -12.59 -6.56 15.80
CA SER B 160 -13.43 -7.01 14.68
C SER B 160 -13.96 -5.91 13.78
N GLY B 161 -13.22 -4.81 13.66
CA GLY B 161 -13.64 -3.68 12.84
C GLY B 161 -14.33 -2.56 13.62
N ALA B 162 -14.63 -2.82 14.90
CA ALA B 162 -15.28 -1.82 15.75
C ALA B 162 -14.36 -0.64 16.11
N LEU B 163 -13.06 -0.88 16.09
CA LEU B 163 -12.07 0.16 16.40
C LEU B 163 -11.25 0.53 15.17
N THR B 164 -11.43 1.74 14.68
CA THR B 164 -10.74 2.22 13.48
C THR B 164 -10.00 3.55 13.68
N SER B 165 -10.53 4.43 14.54
CA SER B 165 -9.88 5.72 14.83
C SER B 165 -8.54 5.52 15.52
N GLY B 166 -7.53 6.22 15.03
CA GLY B 166 -6.20 6.19 15.62
C GLY B 166 -5.39 4.95 15.30
N VAL B 167 -5.91 4.09 14.42
CA VAL B 167 -5.18 2.88 14.00
C VAL B 167 -4.12 3.24 12.95
N HIS B 168 -2.92 2.71 13.13
CA HIS B 168 -1.88 2.79 12.11
C HIS B 168 -1.30 1.42 11.91
N THR B 169 -1.50 0.87 10.71
CA THR B 169 -0.85 -0.38 10.34
C THR B 169 0.28 -0.07 9.36
N PHE B 170 1.48 -0.47 9.73
CA PHE B 170 2.69 -0.04 9.03
C PHE B 170 3.03 -0.98 7.89
N PRO B 171 3.73 -0.47 6.86
CA PRO B 171 4.22 -1.34 5.80
C PRO B 171 5.12 -2.42 6.41
N ALA B 172 4.99 -3.65 5.91
CA ALA B 172 5.86 -4.74 6.32
C ALA B 172 7.29 -4.45 5.89
N VAL B 173 8.25 -4.92 6.65
CA VAL B 173 9.65 -4.94 6.24
C VAL B 173 10.11 -6.39 6.05
N LEU B 174 10.97 -6.62 5.06
CA LEU B 174 11.52 -7.96 4.86
C LEU B 174 12.77 -8.10 5.71
N GLN B 175 12.76 -9.07 6.62
CA GLN B 175 13.87 -9.28 7.53
C GLN B 175 14.98 -10.07 6.86
N SER B 176 16.13 -10.13 7.54
CA SER B 176 17.30 -10.86 7.02
C SER B 176 17.03 -12.35 6.82
N SER B 177 16.06 -12.88 7.58
CA SER B 177 15.59 -14.27 7.44
C SER B 177 14.81 -14.51 6.14
N GLY B 178 14.40 -13.44 5.47
CA GLY B 178 13.56 -13.56 4.27
C GLY B 178 12.09 -13.67 4.62
N LEU B 179 11.74 -13.32 5.85
CA LEU B 179 10.35 -13.32 6.29
C LEU B 179 9.95 -11.90 6.67
N TYR B 180 8.68 -11.56 6.43
CA TYR B 180 8.18 -10.22 6.72
C TYR B 180 7.79 -10.02 8.18
N SER B 181 7.88 -8.78 8.64
CA SER B 181 7.40 -8.37 9.95
C SER B 181 6.67 -7.03 9.83
N LEU B 182 5.55 -6.90 10.52
CA LEU B 182 4.89 -5.60 10.60
C LEU B 182 4.26 -5.38 11.95
N SER B 183 4.00 -4.12 12.27
CA SER B 183 3.26 -3.76 13.46
C SER B 183 1.99 -3.00 13.09
N SER B 184 1.00 -3.13 13.96
CA SER B 184 -0.22 -2.35 13.86
C SER B 184 -0.43 -1.81 15.26
N VAL B 185 -0.73 -0.52 15.34
CA VAL B 185 -0.89 0.16 16.61
C VAL B 185 -2.17 0.97 16.60
N VAL B 186 -2.62 1.35 17.79
CA VAL B 186 -3.75 2.26 17.94
C VAL B 186 -3.52 3.05 19.22
N THR B 187 -3.93 4.31 19.21
CA THR B 187 -3.88 5.13 20.42
C THR B 187 -5.30 5.30 20.93
N VAL B 188 -5.46 5.16 22.24
CA VAL B 188 -6.78 5.18 22.88
C VAL B 188 -6.69 5.95 24.21
N PRO B 189 -7.84 6.40 24.76
CA PRO B 189 -7.76 7.05 26.06
C PRO B 189 -7.21 6.09 27.11
N SER B 190 -6.31 6.59 27.97
CA SER B 190 -5.72 5.80 29.05
C SER B 190 -6.79 5.25 30.00
N SER B 191 -7.87 5.99 30.16
CA SER B 191 -8.95 5.61 31.08
C SER B 191 -9.72 4.38 30.57
N SER B 192 -9.64 4.13 29.26
CA SER B 192 -10.36 3.02 28.63
C SER B 192 -9.65 1.67 28.83
N LEU B 193 -8.42 1.70 29.32
CA LEU B 193 -7.60 0.49 29.46
C LEU B 193 -8.15 -0.50 30.50
N GLY B 194 -8.95 -0.02 31.44
CA GLY B 194 -9.53 -0.87 32.48
C GLY B 194 -10.93 -1.36 32.14
N THR B 195 -11.52 -0.78 31.10
CA THR B 195 -12.91 -1.05 30.76
C THR B 195 -13.09 -1.69 29.38
N GLN B 196 -12.27 -1.27 28.42
CA GLN B 196 -12.42 -1.72 27.03
C GLN B 196 -11.42 -2.84 26.70
N THR B 197 -11.91 -3.95 26.16
CA THR B 197 -11.03 -5.02 25.71
C THR B 197 -10.42 -4.64 24.37
N TYR B 198 -9.16 -5.02 24.17
CA TYR B 198 -8.46 -4.75 22.91
C TYR B 198 -7.91 -6.03 22.29
N ILE B 199 -8.36 -6.31 21.07
CA ILE B 199 -7.94 -7.49 20.33
C ILE B 199 -7.60 -7.11 18.89
N CYS B 200 -6.41 -7.52 18.43
CA CYS B 200 -6.07 -7.38 17.00
C CYS B 200 -6.43 -8.65 16.23
N ASN B 201 -7.05 -8.46 15.07
CA ASN B 201 -7.51 -9.55 14.21
C ASN B 201 -6.59 -9.62 13.00
N VAL B 202 -5.73 -10.62 12.97
CA VAL B 202 -4.75 -10.78 11.90
C VAL B 202 -5.20 -11.90 10.97
N ASN B 203 -5.11 -11.65 9.67
CA ASN B 203 -5.41 -12.66 8.67
C ASN B 203 -4.25 -12.76 7.68
N HIS B 204 -3.77 -13.97 7.45
CA HIS B 204 -2.76 -14.25 6.43
C HIS B 204 -3.29 -15.32 5.53
N LYS B 205 -3.92 -14.90 4.44
CA LYS B 205 -4.62 -15.82 3.53
C LYS B 205 -3.75 -16.91 2.91
N PRO B 206 -2.50 -16.59 2.50
CA PRO B 206 -1.63 -17.60 1.91
C PRO B 206 -1.38 -18.83 2.79
N SER B 207 -1.37 -18.66 4.11
CA SER B 207 -1.11 -19.77 5.03
C SER B 207 -2.38 -20.23 5.74
N ASN B 208 -3.51 -19.68 5.32
CA ASN B 208 -4.80 -19.85 6.01
C ASN B 208 -4.66 -19.60 7.52
N THR B 209 -4.01 -18.50 7.87
CA THR B 209 -3.82 -18.14 9.27
C THR B 209 -4.80 -17.02 9.64
N LYS B 210 -5.56 -17.26 10.70
CA LYS B 210 -6.46 -16.27 11.27
C LYS B 210 -6.16 -16.27 12.77
N VAL B 211 -5.65 -15.16 13.27
CA VAL B 211 -5.28 -15.06 14.69
C VAL B 211 -5.95 -13.84 15.32
N ASP B 212 -6.65 -14.07 16.44
CA ASP B 212 -7.14 -12.96 17.24
C ASP B 212 -6.31 -12.93 18.51
N LYS B 213 -5.64 -11.81 18.74
CA LYS B 213 -4.70 -11.71 19.84
C LYS B 213 -5.18 -10.63 20.78
N LYS B 214 -5.44 -11.03 22.03
CA LYS B 214 -5.79 -10.06 23.06
C LYS B 214 -4.56 -9.23 23.44
N VAL B 215 -4.76 -7.92 23.57
CA VAL B 215 -3.70 -7.02 23.98
C VAL B 215 -4.10 -6.38 25.32
N GLU B 216 -3.54 -6.93 26.38
CA GLU B 216 -3.88 -6.56 27.75
C GLU B 216 -2.81 -5.68 28.38
N PRO B 217 -3.25 -4.68 29.18
CA PRO B 217 -2.31 -3.89 29.98
C PRO B 217 -1.38 -4.78 30.80
N LYS B 218 -0.09 -4.43 30.84
CA LYS B 218 0.90 -5.20 31.59
C LYS B 218 1.51 -4.37 32.71
#